data_5MK6
#
_entry.id   5MK6
#
_cell.length_a   39.770
_cell.length_b   107.320
_cell.length_c   107.600
_cell.angle_alpha   90.00
_cell.angle_beta   90.00
_cell.angle_gamma   90.00
#
_symmetry.space_group_name_H-M   'P 21 21 21'
#
loop_
_entity.id
_entity.type
_entity.pdbx_description
1 polymer 'Botulinum neurotoxin type A'
2 non-polymer 'SODIUM ION'
3 water water
#
_entity_poly.entity_id   1
_entity_poly.type   'polypeptide(L)'
_entity_poly.pdbx_seq_one_letter_code
;MHHHHHHKNIINTSILNLRYESNHLIDLSRYASKINIGSKVNFDPIDKNQIQLFNLESSKIEVILKNAIVYNSMYENFST
SFWIRIPKYFNSISLNNEYTIINCMENNSGWKVSLNYGEIIWTLQDTQEIKQRVVFKYSQMINISDYINRWIFVTITNNR
LNNSKIYINGRLIDQKPISNLGNIHASNNIMFKLDGCRDTHRYIWIKYFNLFDKELNEKEIKDLYDNQSNSGILKDFWGD
YLQYDKPYYMLNLYDPNKYVDVNNVGIRGYMYLKGPRGSVMTTNIYLNSSLYRGTKFIIKKYASGNKDNIVRNNDRVYIN
VVVKNKEYRLATNASQAGVEKILSALEIPDVGNLSQVVVMKSKNDQGITNKCKMNLQDNNGNDIGFIGFHQFNNIAKLVA
SNWYNRQIERSSRTLGCSWEFIPVDDGWGERPL
;
_entity_poly.pdbx_strand_id   A
#
loop_
_chem_comp.id
_chem_comp.type
_chem_comp.name
_chem_comp.formula
NA non-polymer 'SODIUM ION' 'Na 1'
#
# COMPACT_ATOMS: atom_id res chain seq x y z
N ILE A 10 4.00 3.15 22.10
CA ILE A 10 5.25 3.62 21.51
C ILE A 10 5.06 4.97 20.82
N ILE A 11 3.93 5.12 20.13
CA ILE A 11 3.64 6.38 19.44
C ILE A 11 3.49 7.53 20.43
N ASN A 12 2.90 7.27 21.60
CA ASN A 12 2.78 8.30 22.62
C ASN A 12 4.12 8.66 23.23
N THR A 13 5.11 7.78 23.14
CA THR A 13 6.44 8.04 23.67
C THR A 13 7.39 8.64 22.65
N SER A 14 6.95 8.80 21.40
CA SER A 14 7.82 9.33 20.36
C SER A 14 8.12 10.80 20.61
N ILE A 15 9.33 11.22 20.22
CA ILE A 15 9.74 12.61 20.37
C ILE A 15 9.29 13.48 19.19
N LEU A 16 8.75 12.88 18.14
CA LEU A 16 8.16 13.63 17.03
C LEU A 16 7.03 12.77 16.47
N ASN A 17 5.81 13.31 16.48
CA ASN A 17 4.62 12.58 16.04
C ASN A 17 3.88 13.48 15.04
N LEU A 18 4.31 13.42 13.79
CA LEU A 18 3.78 14.29 12.74
C LEU A 18 2.46 13.71 12.24
N ARG A 19 1.36 14.40 12.52
CA ARG A 19 0.04 13.95 12.10
C ARG A 19 -0.76 15.16 11.60
N TYR A 20 -1.74 14.87 10.74
CA TYR A 20 -2.64 15.88 10.23
C TYR A 20 -3.97 15.74 10.96
N GLU A 21 -4.28 16.71 11.82
CA GLU A 21 -5.56 16.73 12.52
C GLU A 21 -5.93 18.17 12.84
N SER A 22 -7.22 18.39 13.07
CA SER A 22 -7.77 19.73 13.25
C SER A 22 -7.48 20.63 12.05
N ASN A 23 -7.39 20.02 10.86
CA ASN A 23 -7.18 20.73 9.60
C ASN A 23 -5.81 21.40 9.51
N HIS A 24 -4.78 20.79 10.10
CA HIS A 24 -3.43 21.33 10.01
CA HIS A 24 -3.42 21.33 10.00
C HIS A 24 -2.44 20.25 10.40
N LEU A 25 -1.26 20.27 9.75
CA LEU A 25 -0.20 19.32 10.08
C LEU A 25 0.53 19.81 11.31
N ILE A 26 0.70 18.93 12.30
CA ILE A 26 1.19 19.31 13.62
C ILE A 26 1.97 18.15 14.22
N ASP A 27 2.89 18.50 15.12
CA ASP A 27 3.59 17.51 15.94
C ASP A 27 2.79 17.27 17.21
N LEU A 28 2.31 16.04 17.37
CA LEU A 28 1.48 15.69 18.53
C LEU A 28 2.30 15.36 19.76
N SER A 29 3.63 15.31 19.66
CA SER A 29 4.45 14.96 20.81
C SER A 29 4.43 16.09 21.84
N ARG A 30 5.00 15.80 23.01
CA ARG A 30 5.05 16.78 24.08
C ARG A 30 5.92 17.98 23.75
N TYR A 31 6.73 17.89 22.70
CA TYR A 31 7.59 19.00 22.30
C TYR A 31 6.91 19.98 21.37
N ALA A 32 5.95 19.50 20.56
CA ALA A 32 5.20 20.34 19.64
C ALA A 32 6.12 21.19 18.76
N SER A 33 7.05 20.51 18.10
CA SER A 33 8.02 21.20 17.25
C SER A 33 7.30 21.88 16.09
N LYS A 34 7.79 23.07 15.74
CA LYS A 34 7.14 23.86 14.70
C LYS A 34 7.31 23.20 13.32
N ILE A 35 6.26 23.29 12.51
CA ILE A 35 6.24 22.74 11.17
C ILE A 35 6.11 23.89 10.17
N ASN A 36 6.98 23.91 9.17
CA ASN A 36 6.90 24.87 8.08
C ASN A 36 6.57 24.11 6.81
N ILE A 37 5.40 24.40 6.23
CA ILE A 37 4.89 23.70 5.05
C ILE A 37 4.98 24.63 3.85
N GLY A 38 5.60 24.14 2.78
CA GLY A 38 5.64 24.89 1.55
C GLY A 38 4.31 24.91 0.84
N SER A 39 4.20 25.81 -0.14
CA SER A 39 2.94 26.02 -0.83
C SER A 39 2.60 24.89 -1.79
N LYS A 40 3.59 24.13 -2.26
CA LYS A 40 3.37 23.07 -3.24
C LYS A 40 3.31 21.68 -2.60
N VAL A 41 2.95 21.61 -1.31
CA VAL A 41 2.72 20.35 -0.64
C VAL A 41 1.25 19.99 -0.82
N ASN A 42 0.99 18.75 -1.24
CA ASN A 42 -0.36 18.27 -1.47
CA ASN A 42 -0.36 18.26 -1.49
C ASN A 42 -0.77 17.28 -0.39
N PHE A 43 -2.01 17.42 0.08
CA PHE A 43 -2.58 16.53 1.08
C PHE A 43 -3.77 15.82 0.46
N ASP A 44 -3.79 14.50 0.55
CA ASP A 44 -4.86 13.69 -0.02
C ASP A 44 -6.19 14.06 0.62
N PRO A 45 -7.19 14.49 -0.16
CA PRO A 45 -8.48 14.83 0.46
C PRO A 45 -9.16 13.65 1.14
N ILE A 46 -8.91 12.43 0.67
CA ILE A 46 -9.49 11.25 1.30
C ILE A 46 -8.83 10.97 2.65
N ASP A 47 -7.54 11.25 2.76
CA ASP A 47 -6.78 10.96 3.98
C ASP A 47 -5.61 11.96 4.01
N LYS A 48 -5.85 13.09 4.69
CA LYS A 48 -4.89 14.19 4.68
C LYS A 48 -3.58 13.88 5.38
N ASN A 49 -3.47 12.73 6.05
CA ASN A 49 -2.17 12.31 6.55
C ASN A 49 -1.24 11.88 5.42
N GLN A 50 -1.79 11.53 4.26
CA GLN A 50 -0.97 11.14 3.11
C GLN A 50 -0.50 12.41 2.41
N ILE A 51 0.82 12.63 2.43
CA ILE A 51 1.43 13.88 1.98
C ILE A 51 2.18 13.61 0.70
N GLN A 52 1.98 14.46 -0.31
CA GLN A 52 2.65 14.33 -1.59
C GLN A 52 3.66 15.45 -1.75
N LEU A 53 4.91 15.08 -2.02
CA LEU A 53 6.00 16.03 -2.21
C LEU A 53 6.53 15.89 -3.63
N PHE A 54 6.45 16.98 -4.40
CA PHE A 54 6.93 16.97 -5.78
C PHE A 54 8.39 17.42 -5.83
N ASN A 55 8.97 17.34 -7.03
CA ASN A 55 10.33 17.81 -7.27
C ASN A 55 10.33 19.32 -7.52
N LEU A 56 9.91 20.05 -6.50
CA LEU A 56 9.84 21.50 -6.56
C LEU A 56 10.39 22.08 -5.27
N GLU A 57 10.99 23.27 -5.38
CA GLU A 57 11.63 23.89 -4.22
C GLU A 57 10.62 24.17 -3.12
N SER A 58 9.40 24.57 -3.49
CA SER A 58 8.37 24.92 -2.52
C SER A 58 7.51 23.73 -2.09
N SER A 59 7.84 22.52 -2.55
CA SER A 59 7.14 21.31 -2.11
C SER A 59 7.99 20.65 -1.03
N LYS A 60 7.91 21.19 0.18
CA LYS A 60 8.78 20.75 1.26
C LYS A 60 8.09 20.98 2.59
N ILE A 61 8.54 20.22 3.59
CA ILE A 61 8.09 20.35 4.97
C ILE A 61 9.32 20.40 5.86
N GLU A 62 9.42 21.44 6.69
CA GLU A 62 10.55 21.62 7.59
C GLU A 62 10.05 21.57 9.03
N VAL A 63 10.66 20.70 9.83
CA VAL A 63 10.35 20.57 11.25
C VAL A 63 11.47 21.25 12.03
N ILE A 64 11.13 22.30 12.78
CA ILE A 64 12.08 22.98 13.64
C ILE A 64 12.06 22.27 14.98
N LEU A 65 13.07 21.42 15.22
CA LEU A 65 13.11 20.62 16.43
C LEU A 65 13.37 21.50 17.65
N LYS A 66 12.66 21.19 18.74
CA LYS A 66 13.00 21.79 20.03
C LYS A 66 14.43 21.42 20.40
N ASN A 67 15.12 22.34 21.09
CA ASN A 67 16.54 22.16 21.34
C ASN A 67 16.83 20.90 22.15
N ALA A 68 15.88 20.45 22.97
CA ALA A 68 16.12 19.30 23.83
C ALA A 68 16.27 18.01 23.04
N ILE A 69 15.69 17.94 21.84
CA ILE A 69 15.71 16.71 21.04
C ILE A 69 16.62 16.81 19.83
N VAL A 70 17.41 17.88 19.72
CA VAL A 70 18.43 17.95 18.68
C VAL A 70 19.50 16.91 19.00
N TYR A 71 19.75 16.01 18.05
CA TYR A 71 20.65 14.90 18.31
C TYR A 71 22.11 15.36 18.27
N ASN A 72 22.83 15.08 19.36
CA ASN A 72 24.27 15.38 19.43
C ASN A 72 24.83 14.46 20.50
N SER A 73 25.23 13.26 20.09
CA SER A 73 25.61 12.23 21.06
C SER A 73 26.49 11.19 20.39
N MET A 74 27.28 10.51 21.23
CA MET A 74 28.03 9.33 20.83
C MET A 74 27.34 8.03 21.23
N TYR A 75 26.26 8.10 22.00
CA TYR A 75 25.71 6.90 22.64
C TYR A 75 24.20 6.74 22.55
N GLU A 76 23.42 7.81 22.34
CA GLU A 76 21.98 7.69 22.42
CA GLU A 76 21.97 7.72 22.41
C GLU A 76 21.41 6.98 21.20
N ASN A 77 20.65 5.92 21.45
CA ASN A 77 19.99 5.18 20.38
C ASN A 77 18.74 5.94 19.93
N PHE A 78 18.37 5.75 18.67
CA PHE A 78 17.20 6.43 18.12
C PHE A 78 16.66 5.64 16.95
N SER A 79 15.38 5.86 16.65
CA SER A 79 14.71 5.16 15.57
C SER A 79 13.77 6.13 14.85
N THR A 80 13.40 5.77 13.63
CA THR A 80 12.43 6.52 12.86
C THR A 80 11.54 5.55 12.10
N SER A 81 10.28 5.95 11.91
CA SER A 81 9.31 5.14 11.19
C SER A 81 8.42 6.06 10.37
N PHE A 82 8.00 5.55 9.21
CA PHE A 82 7.13 6.28 8.30
C PHE A 82 6.67 5.34 7.21
N TRP A 83 5.57 5.71 6.54
CA TRP A 83 5.09 5.02 5.37
C TRP A 83 5.42 5.85 4.14
N ILE A 84 5.73 5.16 3.03
CA ILE A 84 6.11 5.84 1.79
C ILE A 84 5.51 5.07 0.62
N ARG A 85 5.11 5.82 -0.42
CA ARG A 85 4.64 5.23 -1.67
C ARG A 85 5.44 5.88 -2.79
N ILE A 86 6.29 5.09 -3.43
CA ILE A 86 7.25 5.58 -4.42
C ILE A 86 6.75 5.21 -5.81
N PRO A 87 6.42 6.17 -6.67
CA PRO A 87 5.96 5.84 -8.02
C PRO A 87 7.05 5.11 -8.79
N LYS A 88 6.62 4.31 -9.76
CA LYS A 88 7.56 3.56 -10.57
C LYS A 88 8.52 4.51 -11.30
N TYR A 89 9.78 4.13 -11.36
CA TYR A 89 10.74 4.87 -12.17
C TYR A 89 10.51 4.55 -13.63
N PHE A 90 10.35 5.59 -14.45
CA PHE A 90 9.97 5.43 -15.84
C PHE A 90 11.09 5.72 -16.83
N ASN A 91 12.07 6.54 -16.47
CA ASN A 91 13.04 7.06 -17.41
C ASN A 91 14.46 6.72 -16.95
N SER A 92 15.38 6.67 -17.92
CA SER A 92 16.78 6.39 -17.62
C SER A 92 17.44 7.50 -16.83
N ILE A 93 16.83 8.69 -16.77
CA ILE A 93 17.37 9.79 -15.98
C ILE A 93 17.38 9.45 -14.49
N SER A 94 16.61 8.46 -14.07
CA SER A 94 16.56 8.04 -12.67
C SER A 94 17.66 7.06 -12.31
N LEU A 95 18.38 6.51 -13.29
CA LEU A 95 19.47 5.59 -13.00
C LEU A 95 20.67 6.36 -12.45
N ASN A 96 21.30 5.80 -11.42
CA ASN A 96 22.50 6.37 -10.80
C ASN A 96 22.24 7.81 -10.34
N ASN A 97 21.17 8.00 -9.57
CA ASN A 97 20.79 9.33 -9.11
C ASN A 97 20.14 9.20 -7.72
N GLU A 98 20.99 9.07 -6.71
CA GLU A 98 20.51 9.06 -5.33
C GLU A 98 20.12 10.47 -4.91
N TYR A 99 18.92 10.61 -4.36
CA TYR A 99 18.40 11.91 -3.96
C TYR A 99 17.81 11.82 -2.57
N THR A 100 18.13 12.82 -1.74
CA THR A 100 17.64 12.86 -0.36
C THR A 100 16.15 13.24 -0.36
N ILE A 101 15.41 12.66 0.58
CA ILE A 101 14.00 12.99 0.75
C ILE A 101 13.71 13.48 2.16
N ILE A 102 14.44 12.95 3.15
CA ILE A 102 14.32 13.36 4.54
C ILE A 102 15.73 13.65 5.04
N ASN A 103 16.02 14.90 5.35
CA ASN A 103 17.37 15.36 5.61
C ASN A 103 17.48 15.89 7.03
N CYS A 104 18.37 15.30 7.81
CA CYS A 104 18.74 15.81 9.13
C CYS A 104 20.26 15.89 9.26
N MET A 105 20.92 16.33 8.20
CA MET A 105 22.37 16.46 8.16
C MET A 105 22.75 17.93 8.32
N GLU A 106 23.81 18.17 9.09
CA GLU A 106 24.40 19.50 9.22
C GLU A 106 25.91 19.33 9.23
N ASN A 107 26.58 20.02 8.30
CA ASN A 107 28.03 19.86 8.12
C ASN A 107 28.39 18.39 7.85
N ASN A 108 27.51 17.70 7.12
CA ASN A 108 27.69 16.29 6.75
C ASN A 108 27.75 15.37 7.97
N SER A 109 27.10 15.76 9.06
CA SER A 109 26.92 14.89 10.22
C SER A 109 25.45 14.81 10.55
N GLY A 110 25.00 13.62 10.95
CA GLY A 110 23.59 13.41 11.24
C GLY A 110 23.03 12.19 10.55
N TRP A 111 21.77 12.25 10.14
CA TRP A 111 21.13 11.15 9.45
C TRP A 111 20.28 11.69 8.30
N LYS A 112 19.97 10.82 7.36
CA LYS A 112 19.13 11.19 6.23
C LYS A 112 18.55 9.94 5.59
N VAL A 113 17.36 10.10 5.02
CA VAL A 113 16.74 9.07 4.18
C VAL A 113 16.83 9.54 2.74
N SER A 114 17.33 8.68 1.87
CA SER A 114 17.46 8.99 0.46
CA SER A 114 17.47 8.98 0.46
C SER A 114 16.88 7.86 -0.38
N LEU A 115 16.64 8.17 -1.65
CA LEU A 115 16.08 7.20 -2.59
C LEU A 115 16.98 7.14 -3.82
N ASN A 116 16.92 6.00 -4.50
CA ASN A 116 17.56 5.82 -5.79
C ASN A 116 16.71 4.85 -6.60
N TYR A 117 17.15 4.54 -7.81
CA TYR A 117 16.44 3.60 -8.66
C TYR A 117 16.29 2.25 -7.95
N GLY A 118 15.08 1.96 -7.48
CA GLY A 118 14.82 0.71 -6.79
C GLY A 118 15.51 0.57 -5.45
N GLU A 119 15.70 1.67 -4.72
CA GLU A 119 16.42 1.64 -3.45
C GLU A 119 15.81 2.62 -2.47
N ILE A 120 15.83 2.24 -1.19
CA ILE A 120 15.59 3.13 -0.06
C ILE A 120 16.82 3.07 0.82
N ILE A 121 17.43 4.24 1.08
CA ILE A 121 18.75 4.31 1.68
C ILE A 121 18.68 5.11 2.98
N TRP A 122 19.34 4.59 4.02
CA TRP A 122 19.52 5.28 5.28
C TRP A 122 21.01 5.50 5.49
N THR A 123 21.40 6.73 5.83
CA THR A 123 22.79 7.10 5.97
C THR A 123 23.03 7.76 7.31
N LEU A 124 24.05 7.29 8.03
CA LEU A 124 24.54 7.92 9.25
C LEU A 124 25.97 8.38 9.02
N GLN A 125 26.33 9.53 9.59
CA GLN A 125 27.69 10.02 9.50
C GLN A 125 28.02 10.83 10.75
N ASP A 126 29.21 10.59 11.30
CA ASP A 126 29.65 11.30 12.49
C ASP A 126 30.31 12.63 12.11
N THR A 127 31.01 13.25 13.06
CA THR A 127 31.68 14.51 12.83
C THR A 127 33.11 14.33 12.32
N GLN A 128 33.55 13.10 12.06
CA GLN A 128 34.90 12.82 11.63
C GLN A 128 34.93 12.04 10.32
N GLU A 129 33.94 12.27 9.45
CA GLU A 129 33.88 11.70 8.11
C GLU A 129 33.72 10.18 8.09
N ILE A 130 33.16 9.59 9.15
CA ILE A 130 32.87 8.15 9.18
C ILE A 130 31.39 7.96 8.89
N LYS A 131 31.09 7.09 7.93
CA LYS A 131 29.74 6.96 7.38
C LYS A 131 29.36 5.48 7.30
N GLN A 132 28.07 5.22 7.48
CA GLN A 132 27.51 3.88 7.28
C GLN A 132 26.15 4.01 6.61
N ARG A 133 25.84 3.05 5.74
CA ARG A 133 24.58 3.05 5.00
C ARG A 133 23.92 1.69 5.13
N VAL A 134 22.58 1.69 5.23
CA VAL A 134 21.78 0.48 5.13
C VAL A 134 20.73 0.72 4.04
N VAL A 135 20.54 -0.28 3.18
CA VAL A 135 19.78 -0.11 1.95
C VAL A 135 18.73 -1.21 1.83
N PHE A 136 17.54 -0.85 1.38
CA PHE A 136 16.53 -1.80 0.94
C PHE A 136 16.42 -1.70 -0.58
N LYS A 137 16.58 -2.85 -1.25
CA LYS A 137 16.57 -2.90 -2.70
C LYS A 137 15.34 -3.64 -3.19
N TYR A 138 14.69 -3.09 -4.21
CA TYR A 138 13.56 -3.73 -4.87
C TYR A 138 13.71 -3.60 -6.38
N SER A 139 13.25 -4.61 -7.09
CA SER A 139 13.44 -4.70 -8.53
C SER A 139 12.21 -4.16 -9.26
N GLN A 140 12.46 -3.62 -10.47
CA GLN A 140 11.39 -3.25 -11.39
C GLN A 140 11.28 -4.21 -12.56
N MET A 141 12.12 -5.26 -12.59
CA MET A 141 12.00 -6.33 -13.58
C MET A 141 11.31 -7.49 -12.88
N ILE A 142 9.99 -7.37 -12.73
CA ILE A 142 9.21 -8.29 -11.92
C ILE A 142 7.76 -8.25 -12.40
N ASN A 143 7.12 -9.42 -12.43
CA ASN A 143 5.74 -9.50 -12.90
C ASN A 143 4.81 -8.69 -12.00
N ILE A 144 4.77 -9.02 -10.71
CA ILE A 144 3.94 -8.32 -9.73
C ILE A 144 4.85 -7.94 -8.57
N SER A 145 4.96 -6.64 -8.30
CA SER A 145 5.83 -6.13 -7.25
C SER A 145 5.01 -5.77 -6.02
N ASP A 146 5.52 -6.12 -4.85
CA ASP A 146 4.90 -5.74 -3.59
C ASP A 146 5.26 -4.32 -3.18
N TYR A 147 6.16 -3.65 -3.90
CA TYR A 147 6.73 -2.39 -3.45
C TYR A 147 6.57 -1.24 -4.43
N ILE A 148 6.57 -1.50 -5.74
CA ILE A 148 6.48 -0.43 -6.72
C ILE A 148 5.13 0.27 -6.61
N ASN A 149 5.17 1.56 -6.28
CA ASN A 149 3.97 2.41 -6.24
C ASN A 149 2.96 1.98 -5.18
N ARG A 150 3.38 1.18 -4.19
CA ARG A 150 2.50 0.72 -3.14
CA ARG A 150 2.51 0.70 -3.14
C ARG A 150 3.03 1.18 -1.80
N TRP A 151 2.11 1.40 -0.86
CA TRP A 151 2.49 1.90 0.46
C TRP A 151 3.40 0.90 1.17
N ILE A 152 4.54 1.38 1.64
CA ILE A 152 5.55 0.58 2.32
C ILE A 152 5.77 1.18 3.71
N PHE A 153 5.77 0.33 4.73
CA PHE A 153 6.08 0.78 6.09
C PHE A 153 7.58 0.62 6.33
N VAL A 154 8.27 1.74 6.57
CA VAL A 154 9.71 1.76 6.78
C VAL A 154 9.98 2.01 8.26
N THR A 155 10.92 1.25 8.81
CA THR A 155 11.37 1.46 10.18
C THR A 155 12.88 1.29 10.22
N ILE A 156 13.57 2.27 10.79
CA ILE A 156 15.02 2.25 10.89
C ILE A 156 15.40 2.47 12.35
N THR A 157 16.16 1.54 12.91
CA THR A 157 16.61 1.63 14.29
C THR A 157 18.12 1.72 14.32
N ASN A 158 18.64 2.41 15.34
CA ASN A 158 20.07 2.65 15.45
C ASN A 158 20.51 2.41 16.89
N ASN A 159 21.40 1.44 17.08
CA ASN A 159 22.03 1.18 18.37
C ASN A 159 23.48 1.63 18.24
N ARG A 160 23.84 2.69 18.97
CA ARG A 160 25.17 3.28 18.84
C ARG A 160 26.27 2.31 19.26
N LEU A 161 25.95 1.29 20.05
CA LEU A 161 26.92 0.29 20.47
C LEU A 161 26.90 -0.96 19.60
N ASN A 162 26.06 -1.00 18.56
CA ASN A 162 25.96 -2.18 17.72
C ASN A 162 25.65 -1.83 16.27
N ASN A 163 24.40 -2.01 15.84
CA ASN A 163 24.06 -1.99 14.43
C ASN A 163 22.93 -1.02 14.14
N SER A 164 22.84 -0.62 12.88
CA SER A 164 21.69 0.09 12.33
CA SER A 164 21.69 0.09 12.33
C SER A 164 20.89 -0.90 11.49
N LYS A 165 19.57 -0.91 11.68
CA LYS A 165 18.71 -1.86 11.00
C LYS A 165 17.60 -1.14 10.26
N ILE A 166 17.28 -1.65 9.06
CA ILE A 166 16.17 -1.13 8.28
C ILE A 166 15.11 -2.23 8.15
N TYR A 167 13.86 -1.88 8.46
CA TYR A 167 12.74 -2.79 8.39
C TYR A 167 11.78 -2.35 7.29
N ILE A 168 11.18 -3.33 6.62
CA ILE A 168 10.20 -3.08 5.57
C ILE A 168 8.96 -3.90 5.88
N ASN A 169 7.83 -3.20 6.07
CA ASN A 169 6.57 -3.85 6.44
C ASN A 169 6.73 -4.70 7.69
N GLY A 170 7.59 -4.25 8.59
CA GLY A 170 7.78 -4.93 9.85
C GLY A 170 8.78 -6.06 9.86
N ARG A 171 9.54 -6.25 8.77
CA ARG A 171 10.52 -7.32 8.68
C ARG A 171 11.91 -6.76 8.46
N LEU A 172 12.87 -7.28 9.22
CA LEU A 172 14.25 -6.84 9.08
C LEU A 172 14.78 -7.19 7.70
N ILE A 173 15.32 -6.19 7.02
CA ILE A 173 15.85 -6.35 5.66
C ILE A 173 17.38 -6.35 5.65
N ASP A 174 17.99 -5.38 6.32
CA ASP A 174 19.44 -5.27 6.31
C ASP A 174 19.90 -4.62 7.61
N GLN A 175 21.10 -5.00 8.06
CA GLN A 175 21.71 -4.41 9.23
C GLN A 175 23.21 -4.30 9.02
N LYS A 176 23.79 -3.20 9.50
CA LYS A 176 25.20 -2.92 9.37
C LYS A 176 25.72 -2.35 10.67
N PRO A 177 26.96 -2.65 11.03
CA PRO A 177 27.52 -2.11 12.28
C PRO A 177 27.81 -0.62 12.16
N ILE A 178 27.60 0.10 13.26
CA ILE A 178 27.83 1.53 13.30
C ILE A 178 28.65 1.90 14.52
N SER A 179 29.15 0.89 15.23
CA SER A 179 29.87 1.14 16.48
C SER A 179 31.17 1.90 16.26
N ASN A 180 31.70 1.92 15.05
CA ASN A 180 32.93 2.67 14.77
C ASN A 180 32.67 4.16 14.64
N LEU A 181 31.42 4.58 14.42
CA LEU A 181 31.12 6.00 14.34
C LEU A 181 31.27 6.65 15.71
N GLY A 182 31.71 7.90 15.70
CA GLY A 182 31.91 8.65 16.92
C GLY A 182 30.73 9.52 17.29
N ASN A 183 30.95 10.81 17.45
CA ASN A 183 29.88 11.73 17.80
C ASN A 183 29.09 12.10 16.55
N ILE A 184 27.77 11.91 16.61
CA ILE A 184 26.87 12.30 15.55
C ILE A 184 26.13 13.56 16.01
N HIS A 185 26.35 14.66 15.29
CA HIS A 185 25.71 15.93 15.59
C HIS A 185 24.79 16.25 14.42
N ALA A 186 23.50 15.95 14.57
CA ALA A 186 22.54 16.12 13.50
C ALA A 186 22.10 17.57 13.37
N SER A 187 21.24 17.82 12.39
CA SER A 187 20.76 19.18 12.12
C SER A 187 19.72 19.60 13.15
N ASN A 188 19.57 20.92 13.28
CA ASN A 188 18.52 21.46 14.15
C ASN A 188 17.13 21.26 13.55
N ASN A 189 17.05 20.94 12.26
CA ASN A 189 15.78 20.80 11.57
CA ASN A 189 15.78 20.79 11.58
C ASN A 189 15.76 19.47 10.81
N ILE A 190 14.55 19.08 10.40
CA ILE A 190 14.34 17.92 9.55
C ILE A 190 13.62 18.41 8.30
N MET A 191 14.25 18.22 7.15
CA MET A 191 13.73 18.75 5.88
C MET A 191 13.18 17.59 5.05
N PHE A 192 11.87 17.58 4.85
CA PHE A 192 11.21 16.66 3.94
C PHE A 192 11.15 17.33 2.57
N LYS A 193 12.00 16.89 1.65
CA LYS A 193 12.15 17.58 0.38
C LYS A 193 12.99 16.71 -0.54
N LEU A 194 12.60 16.63 -1.82
CA LEU A 194 13.40 15.95 -2.82
C LEU A 194 14.63 16.79 -3.13
N ASP A 195 15.80 16.29 -2.76
CA ASP A 195 17.05 17.04 -2.85
C ASP A 195 17.98 16.31 -3.81
N GLY A 196 18.29 16.94 -4.93
CA GLY A 196 19.22 16.37 -5.89
C GLY A 196 18.62 15.38 -6.85
N CYS A 197 17.31 15.40 -7.06
CA CYS A 197 16.66 14.48 -7.97
C CYS A 197 16.58 15.13 -9.35
N ARG A 198 17.11 14.44 -10.37
CA ARG A 198 17.14 14.97 -11.72
C ARG A 198 15.87 14.68 -12.51
N ASP A 199 14.99 13.80 -12.02
CA ASP A 199 13.71 13.54 -12.66
C ASP A 199 12.73 14.62 -12.23
N THR A 200 12.42 15.54 -13.15
CA THR A 200 11.54 16.65 -12.82
C THR A 200 10.12 16.21 -12.50
N HIS A 201 9.72 15.02 -12.94
CA HIS A 201 8.37 14.52 -12.69
C HIS A 201 8.30 13.64 -11.45
N ARG A 202 9.40 13.47 -10.72
CA ARG A 202 9.42 12.58 -9.57
C ARG A 202 8.65 13.19 -8.40
N TYR A 203 8.00 12.31 -7.63
CA TYR A 203 7.34 12.71 -6.40
C TYR A 203 7.34 11.52 -5.46
N ILE A 204 6.90 11.76 -4.22
CA ILE A 204 6.70 10.70 -3.24
C ILE A 204 5.43 10.99 -2.46
N TRP A 205 4.83 9.93 -1.94
CA TRP A 205 3.79 10.02 -0.91
C TRP A 205 4.37 9.53 0.40
N ILE A 206 4.05 10.24 1.49
CA ILE A 206 4.58 9.91 2.81
C ILE A 206 3.50 10.18 3.86
N LYS A 207 3.53 9.41 4.94
CA LYS A 207 2.57 9.56 6.01
C LYS A 207 3.11 8.91 7.28
N TYR A 208 2.59 9.39 8.42
CA TYR A 208 2.84 8.79 9.73
C TYR A 208 4.32 8.78 10.10
N PHE A 209 4.98 9.92 9.96
CA PHE A 209 6.38 10.02 10.34
C PHE A 209 6.51 10.13 11.85
N ASN A 210 7.46 9.36 12.40
CA ASN A 210 7.71 9.36 13.83
C ASN A 210 9.21 9.27 14.08
N LEU A 211 9.66 9.92 15.16
CA LEU A 211 11.03 9.84 15.63
C LEU A 211 11.02 9.34 17.06
N PHE A 212 11.87 8.37 17.36
CA PHE A 212 11.95 7.76 18.68
C PHE A 212 13.37 7.93 19.23
N ASP A 213 13.47 8.14 20.53
CA ASP A 213 14.76 8.27 21.20
C ASP A 213 15.23 6.95 21.83
N LYS A 214 14.96 5.83 21.15
CA LYS A 214 15.44 4.54 21.60
C LYS A 214 15.48 3.61 20.39
N GLU A 215 16.10 2.45 20.57
CA GLU A 215 16.13 1.42 19.55
C GLU A 215 14.89 0.56 19.72
N LEU A 216 13.95 0.69 18.78
CA LEU A 216 12.74 -0.12 18.82
C LEU A 216 13.08 -1.59 18.60
N ASN A 217 12.42 -2.46 19.37
CA ASN A 217 12.62 -3.89 19.20
C ASN A 217 11.68 -4.43 18.12
N GLU A 218 11.81 -5.72 17.81
CA GLU A 218 11.04 -6.30 16.72
C GLU A 218 9.54 -6.30 17.03
N LYS A 219 9.18 -6.58 18.29
CA LYS A 219 7.76 -6.60 18.65
C LYS A 219 7.15 -5.20 18.57
N GLU A 220 7.89 -4.18 19.00
CA GLU A 220 7.38 -2.81 18.90
C GLU A 220 7.17 -2.40 17.46
N ILE A 221 8.03 -2.87 16.56
CA ILE A 221 7.90 -2.52 15.14
C ILE A 221 6.71 -3.24 14.53
N LYS A 222 6.51 -4.52 14.85
CA LYS A 222 5.33 -5.23 14.36
C LYS A 222 4.05 -4.58 14.87
N ASP A 223 4.05 -4.14 16.13
CA ASP A 223 2.85 -3.50 16.67
C ASP A 223 2.57 -2.16 16.00
N LEU A 224 3.62 -1.38 15.75
CA LEU A 224 3.45 -0.14 15.00
C LEU A 224 2.90 -0.41 13.61
N TYR A 225 3.39 -1.47 12.96
CA TYR A 225 2.94 -1.81 11.62
C TYR A 225 1.46 -2.19 11.62
N ASP A 226 1.00 -2.87 12.67
CA ASP A 226 -0.40 -3.27 12.75
C ASP A 226 -1.30 -2.10 13.14
N ASN A 227 -0.85 -1.29 14.11
CA ASN A 227 -1.68 -0.17 14.59
C ASN A 227 -1.90 0.86 13.49
N GLN A 228 -0.87 1.18 12.72
CA GLN A 228 -0.96 2.19 11.68
C GLN A 228 -1.48 1.65 10.35
N SER A 229 -1.85 0.36 10.29
CA SER A 229 -2.35 -0.21 9.05
C SER A 229 -3.83 0.10 8.82
N ASN A 230 -4.55 0.52 9.84
CA ASN A 230 -5.99 0.76 9.76
C ASN A 230 -6.72 -0.48 9.23
N SER A 231 -6.58 -1.57 9.98
CA SER A 231 -7.05 -2.88 9.53
C SER A 231 -8.57 -2.94 9.38
N GLY A 232 -9.31 -2.04 10.03
CA GLY A 232 -10.75 -2.00 9.86
C GLY A 232 -11.22 -1.46 8.53
N ILE A 233 -10.31 -1.02 7.68
CA ILE A 233 -10.63 -0.43 6.38
C ILE A 233 -9.94 -1.25 5.31
N LEU A 234 -10.70 -1.66 4.29
CA LEU A 234 -10.11 -2.38 3.17
C LEU A 234 -9.27 -1.44 2.32
N LYS A 235 -8.24 -2.01 1.70
CA LYS A 235 -7.30 -1.24 0.89
C LYS A 235 -7.35 -1.70 -0.55
N ASP A 236 -7.00 -0.80 -1.46
CA ASP A 236 -6.83 -1.17 -2.86
C ASP A 236 -5.43 -1.73 -3.06
N PHE A 237 -5.06 -2.00 -4.31
CA PHE A 237 -3.76 -2.60 -4.59
C PHE A 237 -2.62 -1.71 -4.15
N TRP A 238 -2.78 -0.39 -4.28
CA TRP A 238 -1.71 0.54 -3.94
C TRP A 238 -1.60 0.82 -2.44
N GLY A 239 -2.58 0.40 -1.64
CA GLY A 239 -2.58 0.65 -0.23
C GLY A 239 -3.49 1.78 0.24
N ASP A 240 -4.13 2.48 -0.69
CA ASP A 240 -5.09 3.50 -0.33
C ASP A 240 -6.41 2.85 0.11
N TYR A 241 -7.28 3.67 0.70
CA TYR A 241 -8.57 3.17 1.14
C TYR A 241 -9.39 2.68 -0.06
N LEU A 242 -9.96 1.49 0.08
CA LEU A 242 -10.89 0.99 -0.93
C LEU A 242 -12.18 1.80 -0.86
N GLN A 243 -12.74 2.10 -2.03
CA GLN A 243 -13.87 3.02 -2.12
C GLN A 243 -15.02 2.41 -2.91
N TYR A 244 -16.22 2.92 -2.61
CA TYR A 244 -17.39 2.64 -3.42
C TYR A 244 -17.38 3.54 -4.66
N ASP A 245 -18.11 3.10 -5.69
CA ASP A 245 -18.30 3.89 -6.92
C ASP A 245 -16.98 4.26 -7.57
N LYS A 246 -16.01 3.34 -7.55
CA LYS A 246 -14.69 3.57 -8.11
C LYS A 246 -14.31 2.36 -8.95
N PRO A 247 -14.03 2.52 -10.24
CA PRO A 247 -13.69 1.36 -11.08
C PRO A 247 -12.33 0.77 -10.71
N TYR A 248 -12.27 -0.56 -10.62
CA TYR A 248 -11.06 -1.27 -10.25
C TYR A 248 -10.81 -2.40 -11.24
N TYR A 249 -9.56 -2.52 -11.68
CA TYR A 249 -9.13 -3.73 -12.37
C TYR A 249 -8.82 -4.81 -11.34
N MET A 250 -9.22 -6.04 -11.64
CA MET A 250 -9.17 -7.12 -10.66
C MET A 250 -7.93 -7.99 -10.86
N LEU A 251 -7.34 -8.42 -9.75
CA LEU A 251 -6.18 -9.30 -9.75
C LEU A 251 -6.46 -10.44 -8.79
N ASN A 252 -6.49 -11.66 -9.31
CA ASN A 252 -6.60 -12.86 -8.48
C ASN A 252 -5.19 -13.37 -8.19
N LEU A 253 -4.90 -13.57 -6.91
CA LEU A 253 -3.52 -13.86 -6.50
C LEU A 253 -3.07 -15.28 -6.81
N TYR A 254 -4.00 -16.22 -6.99
CA TYR A 254 -3.60 -17.57 -7.37
C TYR A 254 -3.19 -17.63 -8.85
N ASP A 255 -3.89 -16.88 -9.71
CA ASP A 255 -3.55 -16.74 -11.12
C ASP A 255 -3.19 -15.28 -11.40
N PRO A 256 -1.98 -14.85 -11.03
CA PRO A 256 -1.61 -13.44 -11.24
C PRO A 256 -1.44 -13.07 -12.70
N ASN A 257 -1.25 -14.04 -13.60
CA ASN A 257 -1.07 -13.78 -15.02
C ASN A 257 -2.38 -13.79 -15.79
N LYS A 258 -3.52 -13.84 -15.11
CA LYS A 258 -4.82 -13.83 -15.75
C LYS A 258 -5.62 -12.61 -15.28
N TYR A 259 -6.61 -12.23 -16.09
CA TYR A 259 -7.49 -11.11 -15.77
C TYR A 259 -8.94 -11.56 -15.96
N VAL A 260 -9.84 -10.81 -15.35
CA VAL A 260 -11.25 -11.16 -15.37
C VAL A 260 -11.86 -10.73 -16.70
N ASP A 261 -12.65 -11.62 -17.31
CA ASP A 261 -13.39 -11.32 -18.52
C ASP A 261 -14.78 -11.92 -18.40
N VAL A 262 -15.65 -11.58 -19.35
CA VAL A 262 -17.03 -12.05 -19.37
CA VAL A 262 -17.03 -12.05 -19.37
C VAL A 262 -17.27 -12.83 -20.64
N ASN A 263 -17.91 -13.99 -20.51
CA ASN A 263 -18.33 -14.80 -21.65
C ASN A 263 -19.84 -14.62 -21.77
N ASN A 264 -20.24 -13.53 -22.41
CA ASN A 264 -21.64 -13.14 -22.60
C ASN A 264 -22.31 -12.68 -21.30
N VAL A 265 -23.11 -11.64 -21.40
CA VAL A 265 -23.89 -11.15 -20.27
C VAL A 265 -25.11 -12.04 -20.09
N GLY A 266 -25.48 -12.29 -18.84
CA GLY A 266 -26.68 -13.05 -18.52
C GLY A 266 -26.36 -14.35 -17.80
N ILE A 267 -27.43 -14.97 -17.31
CA ILE A 267 -27.30 -16.23 -16.59
C ILE A 267 -26.74 -17.33 -17.47
N ARG A 268 -26.90 -17.21 -18.79
CA ARG A 268 -26.37 -18.17 -19.76
CA ARG A 268 -26.35 -18.25 -19.64
C ARG A 268 -24.88 -18.05 -19.95
N GLY A 269 -24.28 -16.95 -19.51
CA GLY A 269 -22.85 -16.73 -19.60
C GLY A 269 -22.18 -16.84 -18.24
N TYR A 270 -20.92 -16.42 -18.20
CA TYR A 270 -20.18 -16.49 -16.96
C TYR A 270 -18.98 -15.55 -17.01
N MET A 271 -18.49 -15.21 -15.83
CA MET A 271 -17.23 -14.50 -15.67
CA MET A 271 -17.23 -14.51 -15.70
C MET A 271 -16.11 -15.51 -15.47
N TYR A 272 -14.93 -15.20 -16.01
CA TYR A 272 -13.82 -16.12 -15.91
C TYR A 272 -12.50 -15.36 -15.92
N LEU A 273 -11.43 -16.10 -15.66
CA LEU A 273 -10.06 -15.58 -15.70
C LEU A 273 -9.39 -16.10 -16.96
N LYS A 274 -8.83 -15.19 -17.74
CA LYS A 274 -8.13 -15.54 -18.96
C LYS A 274 -6.77 -14.85 -19.01
N GLY A 275 -5.82 -15.50 -19.65
CA GLY A 275 -4.48 -14.95 -19.79
C GLY A 275 -3.92 -15.13 -21.18
N PRO A 276 -2.69 -14.63 -21.41
CA PRO A 276 -1.89 -13.93 -20.42
C PRO A 276 -2.21 -12.44 -20.35
N ARG A 277 -1.74 -11.77 -19.29
CA ARG A 277 -2.00 -10.34 -19.13
C ARG A 277 -1.23 -9.52 -20.17
N GLY A 278 -0.08 -10.00 -20.62
CA GLY A 278 0.84 -9.16 -21.35
C GLY A 278 1.70 -8.35 -20.41
N SER A 279 2.62 -7.59 -20.99
CA SER A 279 3.59 -6.86 -20.20
C SER A 279 3.62 -5.39 -20.60
N VAL A 280 4.02 -4.55 -19.66
CA VAL A 280 4.37 -3.16 -19.90
C VAL A 280 5.87 -3.02 -19.66
N MET A 281 6.53 -2.22 -20.48
CA MET A 281 7.99 -2.22 -20.42
C MET A 281 8.55 -0.90 -20.96
N THR A 282 9.64 -0.47 -20.34
CA THR A 282 10.57 0.48 -20.93
C THR A 282 11.96 -0.13 -20.78
N THR A 283 12.66 -0.28 -21.90
CA THR A 283 13.91 -1.02 -21.93
C THR A 283 14.88 -0.52 -20.87
N ASN A 284 15.40 -1.45 -20.06
CA ASN A 284 16.39 -1.23 -19.01
C ASN A 284 15.83 -0.55 -17.77
N ILE A 285 14.54 -0.23 -17.74
CA ILE A 285 13.94 0.51 -16.63
C ILE A 285 12.92 -0.33 -15.87
N TYR A 286 11.95 -0.91 -16.58
CA TYR A 286 10.96 -1.75 -15.93
C TYR A 286 10.39 -2.75 -16.93
N LEU A 287 9.92 -3.88 -16.40
CA LEU A 287 9.23 -4.90 -17.19
C LEU A 287 8.29 -5.62 -16.24
N ASN A 288 7.01 -5.27 -16.30
CA ASN A 288 6.01 -5.76 -15.37
C ASN A 288 4.81 -6.30 -16.11
N SER A 289 3.99 -7.08 -15.41
CA SER A 289 2.73 -7.53 -15.98
C SER A 289 1.77 -6.35 -16.08
N SER A 290 0.98 -6.34 -17.15
CA SER A 290 -0.01 -5.28 -17.34
C SER A 290 -1.10 -5.41 -16.29
N LEU A 291 -1.41 -4.31 -15.62
CA LEU A 291 -2.41 -4.30 -14.56
C LEU A 291 -3.76 -3.78 -15.01
N TYR A 292 -3.81 -2.95 -16.06
CA TYR A 292 -5.06 -2.38 -16.54
C TYR A 292 -5.67 -3.29 -17.61
N ARG A 293 -6.07 -4.48 -17.17
CA ARG A 293 -6.61 -5.49 -18.05
C ARG A 293 -7.91 -6.04 -17.48
N GLY A 294 -8.83 -6.37 -18.40
CA GLY A 294 -10.05 -7.07 -18.03
C GLY A 294 -11.21 -6.15 -17.71
N THR A 295 -12.34 -6.78 -17.40
CA THR A 295 -13.55 -6.04 -17.05
CA THR A 295 -13.55 -6.04 -17.05
C THR A 295 -13.42 -5.50 -15.63
N LYS A 296 -13.72 -4.22 -15.46
CA LYS A 296 -13.55 -3.56 -14.17
C LYS A 296 -14.73 -3.85 -13.24
N PHE A 297 -14.44 -3.88 -11.95
CA PHE A 297 -15.44 -4.02 -10.91
C PHE A 297 -15.70 -2.66 -10.26
N ILE A 298 -16.94 -2.43 -9.86
CA ILE A 298 -17.34 -1.25 -9.12
C ILE A 298 -18.14 -1.70 -7.90
N ILE A 299 -17.72 -1.27 -6.72
CA ILE A 299 -18.35 -1.67 -5.47
C ILE A 299 -19.50 -0.71 -5.17
N LYS A 300 -20.68 -1.26 -4.94
CA LYS A 300 -21.88 -0.48 -4.69
C LYS A 300 -22.35 -0.68 -3.26
N LYS A 301 -22.89 0.37 -2.66
CA LYS A 301 -23.33 0.30 -1.28
C LYS A 301 -24.60 -0.54 -1.15
N TYR A 302 -24.61 -1.40 -0.13
CA TYR A 302 -25.84 -2.11 0.27
C TYR A 302 -26.61 -1.33 1.33
N ALA A 303 -25.90 -0.69 2.25
CA ALA A 303 -26.49 0.17 3.26
C ALA A 303 -26.24 1.62 2.85
N SER A 304 -27.28 2.26 2.32
CA SER A 304 -27.16 3.63 1.81
C SER A 304 -27.28 4.68 2.90
N GLY A 305 -27.52 4.29 4.15
CA GLY A 305 -27.65 5.26 5.23
C GLY A 305 -26.34 5.91 5.65
N ASN A 306 -25.22 5.42 5.16
CA ASN A 306 -23.90 5.96 5.49
C ASN A 306 -23.39 6.76 4.30
N LYS A 307 -23.12 8.05 4.54
CA LYS A 307 -22.68 8.93 3.46
C LYS A 307 -21.24 8.64 3.05
N ASP A 308 -20.43 8.12 3.96
CA ASP A 308 -19.02 7.90 3.68
C ASP A 308 -18.83 6.87 2.57
N ASN A 309 -17.80 7.07 1.75
CA ASN A 309 -17.55 6.23 0.58
C ASN A 309 -16.40 5.26 0.76
N ILE A 310 -15.91 5.07 1.99
CA ILE A 310 -14.84 4.13 2.25
C ILE A 310 -15.43 2.77 2.56
N VAL A 311 -14.85 1.73 1.98
CA VAL A 311 -15.30 0.36 2.19
C VAL A 311 -14.60 -0.19 3.43
N ARG A 312 -15.38 -0.58 4.44
CA ARG A 312 -14.85 -1.06 5.71
C ARG A 312 -15.08 -2.55 5.84
N ASN A 313 -14.36 -3.15 6.80
CA ASN A 313 -14.45 -4.59 7.02
C ASN A 313 -15.88 -4.96 7.42
N ASN A 314 -16.35 -6.08 6.88
CA ASN A 314 -17.68 -6.64 7.10
C ASN A 314 -18.80 -5.84 6.43
N ASP A 315 -18.47 -4.86 5.60
CA ASP A 315 -19.49 -4.16 4.84
C ASP A 315 -20.17 -5.10 3.86
N ARG A 316 -21.48 -4.99 3.77
CA ARG A 316 -22.23 -5.68 2.71
C ARG A 316 -22.30 -4.75 1.50
N VAL A 317 -22.07 -5.32 0.32
CA VAL A 317 -21.98 -4.56 -0.92
C VAL A 317 -22.62 -5.34 -2.06
N TYR A 318 -22.81 -4.66 -3.18
CA TYR A 318 -23.06 -5.27 -4.46
C TYR A 318 -21.86 -5.01 -5.36
N ILE A 319 -21.60 -5.95 -6.27
CA ILE A 319 -20.47 -5.84 -7.19
C ILE A 319 -21.01 -5.61 -8.59
N ASN A 320 -20.71 -4.45 -9.15
CA ASN A 320 -21.05 -4.15 -10.53
C ASN A 320 -19.87 -4.48 -11.44
N VAL A 321 -20.19 -4.95 -12.64
CA VAL A 321 -19.19 -5.38 -13.62
C VAL A 321 -19.36 -4.54 -14.87
N VAL A 322 -18.26 -3.98 -15.37
CA VAL A 322 -18.28 -3.07 -16.50
C VAL A 322 -17.90 -3.85 -17.76
N VAL A 323 -18.83 -3.89 -18.72
CA VAL A 323 -18.61 -4.57 -20.00
C VAL A 323 -18.99 -3.58 -21.10
N LYS A 324 -18.00 -3.15 -21.88
CA LYS A 324 -18.21 -2.23 -22.99
C LYS A 324 -18.92 -0.94 -22.55
N ASN A 325 -18.42 -0.36 -21.46
CA ASN A 325 -18.93 0.90 -20.92
C ASN A 325 -20.38 0.79 -20.46
N LYS A 326 -20.78 -0.40 -19.99
CA LYS A 326 -22.09 -0.63 -19.41
C LYS A 326 -21.92 -1.49 -18.18
N GLU A 327 -22.72 -1.22 -17.15
CA GLU A 327 -22.58 -1.89 -15.87
C GLU A 327 -23.61 -3.00 -15.72
N TYR A 328 -23.17 -4.12 -15.15
CA TYR A 328 -24.00 -5.30 -14.90
C TYR A 328 -23.73 -5.76 -13.47
N ARG A 329 -24.50 -6.74 -13.02
CA ARG A 329 -24.49 -7.16 -11.62
C ARG A 329 -23.91 -8.56 -11.48
N LEU A 330 -22.89 -8.69 -10.62
CA LEU A 330 -22.34 -10.01 -10.32
CA LEU A 330 -22.33 -10.00 -10.31
C LEU A 330 -23.34 -10.79 -9.49
N ALA A 331 -23.72 -11.97 -9.98
CA ALA A 331 -24.73 -12.77 -9.29
C ALA A 331 -24.60 -14.22 -9.72
N THR A 332 -25.34 -15.08 -9.02
CA THR A 332 -25.41 -16.50 -9.36
C THR A 332 -26.69 -17.08 -8.78
N ASN A 333 -27.11 -18.22 -9.34
CA ASN A 333 -28.19 -19.01 -8.80
C ASN A 333 -27.56 -20.14 -8.00
N ALA A 334 -27.64 -20.03 -6.67
CA ALA A 334 -27.01 -21.02 -5.78
C ALA A 334 -27.65 -22.40 -5.89
N SER A 335 -28.81 -22.52 -6.54
CA SER A 335 -29.45 -23.82 -6.69
C SER A 335 -28.82 -24.67 -7.79
N GLN A 336 -27.84 -24.15 -8.52
CA GLN A 336 -27.16 -24.94 -9.52
C GLN A 336 -26.39 -26.08 -8.87
N ALA A 337 -26.17 -27.14 -9.65
CA ALA A 337 -25.55 -28.35 -9.11
C ALA A 337 -24.09 -28.10 -8.74
N GLY A 338 -23.62 -28.80 -7.72
CA GLY A 338 -22.25 -28.74 -7.31
C GLY A 338 -21.99 -27.66 -6.26
N VAL A 339 -20.81 -27.75 -5.64
CA VAL A 339 -20.42 -26.81 -4.60
C VAL A 339 -19.81 -25.53 -5.15
N GLU A 340 -19.44 -25.50 -6.43
CA GLU A 340 -18.84 -24.32 -7.05
C GLU A 340 -19.92 -23.63 -7.88
N LYS A 341 -20.44 -22.52 -7.36
CA LYS A 341 -21.53 -21.79 -8.01
C LYS A 341 -20.93 -20.80 -8.99
N ILE A 342 -21.08 -21.08 -10.29
CA ILE A 342 -20.50 -20.24 -11.33
C ILE A 342 -21.18 -18.88 -11.33
N LEU A 343 -20.38 -17.81 -11.36
CA LEU A 343 -20.90 -16.46 -11.32
C LEU A 343 -21.13 -15.93 -12.72
N SER A 344 -22.14 -15.08 -12.86
CA SER A 344 -22.50 -14.45 -14.12
C SER A 344 -22.62 -12.95 -13.93
N ALA A 345 -22.65 -12.23 -15.06
CA ALA A 345 -22.89 -10.79 -15.09
C ALA A 345 -24.32 -10.59 -15.56
N LEU A 346 -25.19 -10.18 -14.63
CA LEU A 346 -26.63 -10.09 -14.89
C LEU A 346 -27.03 -8.66 -15.25
N GLU A 347 -28.05 -8.55 -16.08
CA GLU A 347 -28.70 -7.26 -16.26
C GLU A 347 -29.32 -6.82 -14.94
N ILE A 348 -28.99 -5.61 -14.51
CA ILE A 348 -29.44 -5.07 -13.23
C ILE A 348 -30.96 -5.14 -13.07
N PRO A 349 -31.77 -4.77 -14.08
CA PRO A 349 -33.22 -4.91 -13.92
C PRO A 349 -33.71 -6.36 -13.79
N ASP A 350 -32.89 -7.35 -14.11
CA ASP A 350 -33.32 -8.75 -14.12
C ASP A 350 -32.58 -9.61 -13.11
N VAL A 351 -32.01 -9.01 -12.06
CA VAL A 351 -31.32 -9.80 -11.04
C VAL A 351 -32.30 -10.72 -10.32
N GLY A 352 -33.53 -10.23 -10.11
CA GLY A 352 -34.53 -11.06 -9.45
C GLY A 352 -34.12 -11.42 -8.04
N ASN A 353 -34.25 -12.70 -7.71
CA ASN A 353 -33.88 -13.22 -6.39
C ASN A 353 -32.53 -13.92 -6.41
N LEU A 354 -31.71 -13.68 -7.43
CA LEU A 354 -30.39 -14.30 -7.49
C LEU A 354 -29.49 -13.74 -6.40
N SER A 355 -28.55 -14.57 -5.95
CA SER A 355 -27.65 -14.17 -4.88
C SER A 355 -26.64 -13.15 -5.41
N GLN A 356 -26.51 -12.02 -4.71
CA GLN A 356 -25.68 -10.92 -5.18
C GLN A 356 -25.05 -10.15 -4.03
N VAL A 357 -25.53 -10.36 -2.81
CA VAL A 357 -25.01 -9.62 -1.66
C VAL A 357 -23.64 -10.18 -1.28
N VAL A 358 -22.66 -9.29 -1.15
CA VAL A 358 -21.28 -9.66 -0.89
C VAL A 358 -20.83 -8.99 0.40
N VAL A 359 -20.22 -9.76 1.29
CA VAL A 359 -19.60 -9.23 2.50
C VAL A 359 -18.12 -9.08 2.24
N MET A 360 -17.61 -7.85 2.34
CA MET A 360 -16.20 -7.58 2.09
C MET A 360 -15.38 -7.88 3.35
N LYS A 361 -14.23 -8.52 3.15
CA LYS A 361 -13.38 -8.94 4.25
C LYS A 361 -11.93 -8.63 3.94
N SER A 362 -11.14 -8.49 5.00
CA SER A 362 -9.71 -8.33 4.86
C SER A 362 -9.01 -9.68 5.01
N LYS A 363 -7.80 -9.77 4.46
CA LYS A 363 -6.99 -10.97 4.55
C LYS A 363 -5.54 -10.55 4.76
N ASN A 364 -5.06 -10.67 6.00
CA ASN A 364 -3.71 -10.25 6.37
C ASN A 364 -2.92 -11.47 6.81
N ASP A 365 -1.96 -11.87 5.99
CA ASP A 365 -1.03 -12.95 6.33
C ASP A 365 0.39 -12.43 6.14
N GLN A 366 1.32 -13.35 5.93
CA GLN A 366 2.72 -13.00 5.71
C GLN A 366 3.05 -12.79 4.23
N GLY A 367 2.04 -12.60 3.38
CA GLY A 367 2.28 -12.42 1.96
C GLY A 367 2.04 -11.00 1.49
N ILE A 368 1.55 -10.86 0.26
CA ILE A 368 1.32 -9.54 -0.32
C ILE A 368 0.24 -8.81 0.46
N THR A 369 0.47 -7.52 0.72
CA THR A 369 -0.47 -6.74 1.51
C THR A 369 -1.71 -6.39 0.69
N ASN A 370 -2.73 -5.90 1.39
CA ASN A 370 -3.95 -5.35 0.79
C ASN A 370 -4.84 -6.41 0.16
N LYS A 371 -4.80 -7.64 0.65
CA LYS A 371 -5.67 -8.69 0.14
C LYS A 371 -7.10 -8.44 0.59
N CYS A 372 -8.05 -8.76 -0.28
CA CYS A 372 -9.47 -8.65 0.01
C CYS A 372 -10.17 -9.95 -0.32
N LYS A 373 -11.22 -10.26 0.43
CA LYS A 373 -12.05 -11.43 0.20
C LYS A 373 -13.50 -10.99 0.08
N MET A 374 -14.28 -11.77 -0.67
CA MET A 374 -15.68 -11.45 -0.96
C MET A 374 -16.53 -12.67 -0.68
N ASN A 375 -17.33 -12.60 0.38
CA ASN A 375 -18.20 -13.72 0.79
C ASN A 375 -19.61 -13.45 0.28
N LEU A 376 -20.02 -14.23 -0.72
CA LEU A 376 -21.35 -14.07 -1.31
C LEU A 376 -22.41 -14.72 -0.42
N GLN A 377 -23.56 -14.05 -0.31
CA GLN A 377 -24.67 -14.55 0.49
C GLN A 377 -25.96 -14.44 -0.30
N ASP A 378 -26.91 -15.31 0.02
CA ASP A 378 -28.22 -15.23 -0.60
C ASP A 378 -29.05 -14.11 0.03
N ASN A 379 -30.28 -13.94 -0.46
CA ASN A 379 -31.12 -12.86 0.05
C ASN A 379 -31.67 -13.13 1.45
N ASN A 380 -31.47 -14.32 1.99
CA ASN A 380 -31.82 -14.61 3.38
C ASN A 380 -30.64 -14.49 4.33
N GLY A 381 -29.45 -14.14 3.82
CA GLY A 381 -28.28 -13.98 4.65
C GLY A 381 -27.44 -15.23 4.81
N ASN A 382 -27.77 -16.32 4.12
CA ASN A 382 -26.99 -17.55 4.22
C ASN A 382 -25.77 -17.47 3.31
N ASP A 383 -24.65 -18.01 3.79
CA ASP A 383 -23.42 -17.96 3.03
C ASP A 383 -23.53 -18.82 1.77
N ILE A 384 -23.16 -18.24 0.63
CA ILE A 384 -22.95 -19.02 -0.57
C ILE A 384 -21.49 -19.43 -0.71
N GLY A 385 -20.57 -18.59 -0.26
CA GLY A 385 -19.16 -18.92 -0.23
C GLY A 385 -18.31 -17.76 -0.71
N PHE A 386 -17.03 -17.82 -0.38
CA PHE A 386 -16.10 -16.80 -0.86
C PHE A 386 -15.98 -16.87 -2.39
N ILE A 387 -15.76 -15.72 -3.00
CA ILE A 387 -15.66 -15.62 -4.45
C ILE A 387 -14.24 -15.98 -4.87
N GLY A 388 -14.11 -17.04 -5.67
CA GLY A 388 -12.83 -17.44 -6.22
C GLY A 388 -12.96 -17.89 -7.65
N PHE A 389 -12.38 -19.05 -7.98
CA PHE A 389 -12.51 -19.60 -9.32
C PHE A 389 -12.39 -21.11 -9.25
N HIS A 390 -12.83 -21.77 -10.32
CA HIS A 390 -12.75 -23.21 -10.41
C HIS A 390 -12.61 -23.60 -11.88
N GLN A 391 -11.85 -24.66 -12.13
CA GLN A 391 -11.57 -25.12 -13.49
C GLN A 391 -12.76 -25.93 -14.00
N PHE A 392 -13.45 -25.38 -15.01
CA PHE A 392 -14.51 -26.09 -15.72
C PHE A 392 -14.12 -26.12 -17.19
N ASN A 393 -13.94 -27.33 -17.73
CA ASN A 393 -13.62 -27.51 -19.14
C ASN A 393 -12.37 -26.72 -19.54
N ASN A 394 -11.34 -26.76 -18.69
CA ASN A 394 -10.07 -26.08 -18.89
C ASN A 394 -10.20 -24.56 -18.87
N ILE A 395 -11.25 -24.02 -18.27
CA ILE A 395 -11.46 -22.58 -18.15
C ILE A 395 -11.66 -22.24 -16.68
N ALA A 396 -10.94 -21.22 -16.21
CA ALA A 396 -11.01 -20.79 -14.81
C ALA A 396 -12.19 -19.84 -14.66
N LYS A 397 -13.37 -20.42 -14.42
CA LYS A 397 -14.58 -19.61 -14.26
C LYS A 397 -14.69 -19.13 -12.81
N LEU A 398 -15.15 -17.89 -12.65
CA LEU A 398 -15.34 -17.35 -11.31
C LEU A 398 -16.49 -18.08 -10.63
N VAL A 399 -16.27 -18.45 -9.36
CA VAL A 399 -17.26 -19.19 -8.59
C VAL A 399 -17.34 -18.62 -7.17
N ALA A 400 -18.46 -18.89 -6.52
CA ALA A 400 -18.60 -18.75 -5.08
C ALA A 400 -18.76 -20.15 -4.50
N SER A 401 -17.99 -20.45 -3.45
CA SER A 401 -17.98 -21.81 -2.93
C SER A 401 -17.77 -21.75 -1.42
N ASN A 402 -18.69 -22.38 -0.68
CA ASN A 402 -18.50 -22.55 0.75
C ASN A 402 -17.33 -23.48 1.08
N TRP A 403 -16.75 -24.14 0.07
CA TRP A 403 -15.53 -24.91 0.30
C TRP A 403 -14.42 -24.02 0.85
N TYR A 404 -14.27 -22.82 0.29
CA TYR A 404 -13.28 -21.87 0.79
C TYR A 404 -13.51 -21.57 2.27
N ASN A 405 -14.75 -21.26 2.64
CA ASN A 405 -15.05 -20.85 4.00
C ASN A 405 -14.74 -21.97 5.00
N ARG A 406 -15.01 -23.22 4.62
CA ARG A 406 -14.82 -24.32 5.56
C ARG A 406 -13.35 -24.59 5.84
N GLN A 407 -12.47 -24.43 4.84
CA GLN A 407 -11.05 -24.63 5.10
C GLN A 407 -10.52 -23.61 6.09
N ILE A 408 -10.94 -22.36 5.95
CA ILE A 408 -10.53 -21.33 6.90
C ILE A 408 -11.08 -21.65 8.29
N GLU A 409 -12.31 -22.15 8.35
CA GLU A 409 -12.89 -22.52 9.64
C GLU A 409 -12.17 -23.70 10.26
N ARG A 410 -11.73 -24.66 9.44
CA ARG A 410 -10.99 -25.82 9.91
C ARG A 410 -9.48 -25.62 9.84
N SER A 411 -9.01 -24.36 9.80
CA SER A 411 -7.59 -24.04 9.87
C SER A 411 -6.79 -24.62 8.70
N SER A 412 -7.43 -24.77 7.54
CA SER A 412 -6.77 -25.20 6.33
C SER A 412 -6.47 -23.99 5.45
N ARG A 413 -5.35 -24.06 4.74
CA ARG A 413 -4.94 -22.96 3.87
C ARG A 413 -5.74 -23.00 2.57
N THR A 414 -6.23 -21.83 2.16
CA THR A 414 -7.06 -21.69 0.97
C THR A 414 -6.46 -20.62 0.08
N LEU A 415 -6.31 -20.91 -1.20
CA LEU A 415 -5.87 -19.94 -2.18
C LEU A 415 -6.83 -19.95 -3.36
N GLY A 416 -6.91 -18.82 -4.06
CA GLY A 416 -7.83 -18.63 -5.15
C GLY A 416 -8.97 -17.69 -4.84
N CYS A 417 -9.25 -17.43 -3.56
CA CYS A 417 -10.30 -16.51 -3.14
C CYS A 417 -9.76 -15.22 -2.55
N SER A 418 -8.54 -14.84 -2.90
CA SER A 418 -7.94 -13.58 -2.46
C SER A 418 -7.76 -12.68 -3.68
N TRP A 419 -8.18 -11.41 -3.54
CA TRP A 419 -8.26 -10.49 -4.66
C TRP A 419 -7.59 -9.16 -4.30
N GLU A 420 -7.21 -8.43 -5.35
CA GLU A 420 -6.71 -7.07 -5.24
C GLU A 420 -7.49 -6.19 -6.21
N PHE A 421 -7.83 -4.99 -5.77
CA PHE A 421 -8.54 -4.01 -6.58
C PHE A 421 -7.55 -2.95 -7.03
N ILE A 422 -7.36 -2.81 -8.34
CA ILE A 422 -6.32 -1.98 -8.91
C ILE A 422 -6.97 -0.80 -9.64
N PRO A 423 -6.97 0.40 -9.09
CA PRO A 423 -7.40 1.57 -9.84
C PRO A 423 -6.24 2.19 -10.60
N VAL A 424 -6.59 3.00 -11.60
CA VAL A 424 -5.58 3.71 -12.38
C VAL A 424 -4.91 4.75 -11.48
N ASP A 425 -3.58 4.74 -11.46
CA ASP A 425 -2.81 5.62 -10.59
C ASP A 425 -1.65 6.22 -11.37
N ASP A 426 -1.36 7.50 -11.09
CA ASP A 426 -0.29 8.20 -11.80
C ASP A 426 1.08 7.59 -11.53
N GLY A 427 1.24 6.86 -10.43
CA GLY A 427 2.51 6.23 -10.12
C GLY A 427 2.80 4.97 -10.87
N TRP A 428 1.88 4.49 -11.71
CA TRP A 428 2.08 3.29 -12.50
C TRP A 428 2.24 3.56 -14.00
N GLY A 429 1.55 4.57 -14.53
CA GLY A 429 1.80 5.06 -15.87
C GLY A 429 1.46 4.12 -17.01
N GLU A 430 0.70 3.07 -16.75
CA GLU A 430 0.32 2.14 -17.82
C GLU A 430 -0.78 2.72 -18.69
NA NA B . -26.16 -0.08 -9.68
#